data_2PCL
#
_entry.id   2PCL
#
_cell.length_a   104.177
_cell.length_b   104.177
_cell.length_c   135.046
_cell.angle_alpha   90.00
_cell.angle_beta   90.00
_cell.angle_gamma   120.00
#
_symmetry.space_group_name_H-M   'H 3 2'
#
loop_
_entity.id
_entity.type
_entity.pdbx_description
1 polymer 'Lipoprotein-releasing system ATP-binding protein lolD'
2 non-polymer 'MAGNESIUM ION'
3 non-polymer 'SULFATE ION'
4 non-polymer 1,2-ETHANEDIOL
5 water water
#
_entity_poly.entity_id   1
_entity_poly.type   'polypeptide(L)'
_entity_poly.pdbx_seq_one_letter_code
;MAEILRAENIKKVIRGYEILKGISLSVKKGEFVSIIGASGSGKSTLLYILGLLDAPTEGKVFLEGKEVDYTNEKELSLLR
NRKLGFVFQFHYLIPELTALENVIVPMLKMGKPKKEAKERGEYLLSELGLGDKLSRKPYELSGGEQQRVAIARALANEPI
LLFADEPTGNLDSANTKRVMDIFLKINEGGTSIVMVTHERELAELTHRTLEMKDGKVVGEITRV
;
_entity_poly.pdbx_strand_id   A
#
# COMPACT_ATOMS: atom_id res chain seq x y z
N ALA A 2 9.66 -7.67 -16.09
CA ALA A 2 8.22 -7.45 -16.20
C ALA A 2 7.82 -6.25 -15.33
N GLU A 3 8.37 -5.09 -15.66
CA GLU A 3 8.02 -3.85 -14.95
C GLU A 3 6.52 -3.68 -14.71
N ILE A 4 6.17 -3.29 -13.47
CA ILE A 4 4.81 -2.85 -13.11
C ILE A 4 4.74 -1.36 -12.73
N LEU A 5 5.89 -0.80 -12.37
CA LEU A 5 5.93 0.61 -11.89
C LEU A 5 7.30 1.17 -12.22
N ARG A 6 7.32 2.39 -12.71
CA ARG A 6 8.62 3.09 -12.85
C ARG A 6 8.45 4.56 -12.48
N ALA A 7 9.47 5.12 -11.87
CA ALA A 7 9.51 6.59 -11.64
C ALA A 7 10.77 7.08 -12.31
N GLU A 8 10.66 8.26 -12.92
CA GLU A 8 11.78 8.86 -13.66
C GLU A 8 11.96 10.27 -13.11
N ASN A 9 13.11 10.48 -12.47
CA ASN A 9 13.56 11.80 -12.04
C ASN A 9 12.55 12.59 -11.23
N ILE A 10 11.91 11.89 -10.29
CA ILE A 10 10.83 12.45 -9.48
C ILE A 10 11.38 13.49 -8.49
N LYS A 11 10.78 14.67 -8.47
CA LYS A 11 11.08 15.72 -7.46
C LYS A 11 9.77 16.18 -6.92
N LYS A 12 9.80 16.67 -5.69
CA LYS A 12 8.58 17.10 -5.06
C LYS A 12 8.94 18.26 -4.14
N VAL A 13 8.33 19.40 -4.45
CA VAL A 13 8.48 20.64 -3.65
C VAL A 13 7.29 20.78 -2.73
N ILE A 14 7.56 20.97 -1.44
CA ILE A 14 6.49 21.16 -0.48
C ILE A 14 6.89 22.35 0.36
N ARG A 15 6.03 23.37 0.31
CA ARG A 15 6.32 24.62 1.06
C ARG A 15 7.68 25.24 0.77
N GLY A 16 8.02 25.24 -0.51
CA GLY A 16 9.18 25.93 -1.05
C GLY A 16 10.48 25.15 -0.94
N TYR A 17 10.42 23.93 -0.37
CA TYR A 17 11.63 23.08 -0.23
C TYR A 17 11.51 21.79 -1.04
N GLU A 18 12.63 21.35 -1.61
CA GLU A 18 12.64 20.15 -2.45
C GLU A 18 12.74 18.92 -1.53
N ILE A 19 11.61 18.34 -1.17
CA ILE A 19 11.58 17.17 -0.29
C ILE A 19 12.17 15.94 -0.98
N LEU A 20 11.74 15.74 -2.22
CA LEU A 20 12.35 14.71 -3.07
C LEU A 20 13.17 15.40 -4.11
N LYS A 21 14.39 14.93 -4.34
CA LYS A 21 15.41 15.68 -5.09
C LYS A 21 15.90 15.03 -6.39
N GLY A 22 15.08 14.11 -6.92
CA GLY A 22 15.40 13.46 -8.19
C GLY A 22 15.58 11.97 -7.94
N ILE A 23 14.47 11.24 -8.05
CA ILE A 23 14.49 9.78 -7.77
C ILE A 23 14.00 9.02 -9.00
N SER A 24 14.74 7.95 -9.34
CA SER A 24 14.32 7.06 -10.42
C SER A 24 14.42 5.65 -9.86
N LEU A 25 13.41 4.84 -10.18
CA LEU A 25 13.33 3.47 -9.66
C LEU A 25 12.36 2.70 -10.53
N SER A 26 12.43 1.38 -10.46
CA SER A 26 11.34 0.59 -11.05
C SER A 26 11.06 -0.61 -10.13
N VAL A 27 9.91 -1.21 -10.34
CA VAL A 27 9.45 -2.35 -9.56
C VAL A 27 8.87 -3.34 -10.56
N LYS A 28 9.27 -4.60 -10.40
CA LYS A 28 8.78 -5.70 -11.27
C LYS A 28 7.51 -6.32 -10.72
N LYS A 29 6.65 -6.80 -11.61
CA LYS A 29 5.50 -7.54 -11.17
C LYS A 29 5.95 -8.67 -10.22
N GLY A 30 5.24 -8.80 -9.09
CA GLY A 30 5.53 -9.81 -8.09
C GLY A 30 6.57 -9.46 -7.04
N GLU A 31 7.21 -8.30 -7.18
CA GLU A 31 8.29 -7.92 -6.24
C GLU A 31 7.74 -7.31 -4.92
N PHE A 32 8.42 -7.62 -3.81
CA PHE A 32 8.17 -7.01 -2.47
C PHE A 32 9.37 -6.12 -2.20
N VAL A 33 9.15 -4.82 -2.33
CA VAL A 33 10.17 -3.77 -2.16
C VAL A 33 9.88 -2.99 -0.89
N SER A 34 10.93 -2.71 -0.11
CA SER A 34 10.78 -1.88 1.07
C SER A 34 11.61 -0.61 0.87
N ILE A 35 11.20 0.45 1.57
CA ILE A 35 11.91 1.75 1.53
C ILE A 35 12.23 2.11 2.97
N ILE A 36 13.51 2.33 3.27
CA ILE A 36 13.93 2.74 4.62
C ILE A 36 14.75 4.03 4.58
N GLY A 37 15.01 4.64 5.74
CA GLY A 37 15.78 5.84 5.79
C GLY A 37 15.33 6.65 7.00
N ALA A 38 16.18 7.60 7.38
CA ALA A 38 15.94 8.51 8.51
C ALA A 38 14.65 9.27 8.38
N SER A 39 14.09 9.71 9.51
CA SER A 39 12.94 10.60 9.46
C SER A 39 13.30 11.85 8.66
N GLY A 40 12.39 12.33 7.80
CA GLY A 40 12.62 13.49 6.90
C GLY A 40 13.35 13.15 5.61
N SER A 41 13.60 11.84 5.38
CA SER A 41 14.31 11.44 4.16
C SER A 41 13.42 11.53 2.92
N GLY A 42 12.11 11.64 3.11
CA GLY A 42 11.16 11.66 1.95
C GLY A 42 10.47 10.32 1.62
N LYS A 43 10.64 9.32 2.46
CA LYS A 43 10.12 7.96 2.21
C LYS A 43 8.61 7.98 1.97
N SER A 44 7.86 8.59 2.89
CA SER A 44 6.38 8.58 2.74
C SER A 44 5.94 9.45 1.58
N THR A 45 6.59 10.60 1.39
CA THR A 45 6.32 11.48 0.25
C THR A 45 6.46 10.72 -1.09
N LEU A 46 7.57 9.99 -1.23
CA LEU A 46 7.77 9.14 -2.43
C LEU A 46 6.61 8.14 -2.55
N LEU A 47 6.27 7.44 -1.45
CA LEU A 47 5.24 6.40 -1.53
C LEU A 47 3.91 6.98 -2.00
N TYR A 48 3.56 8.18 -1.50
CA TYR A 48 2.29 8.80 -1.90
C TYR A 48 2.28 9.16 -3.41
N ILE A 49 3.43 9.50 -3.99
CA ILE A 49 3.50 9.82 -5.43
C ILE A 49 3.40 8.52 -6.23
N LEU A 50 4.16 7.52 -5.79
CA LEU A 50 4.12 6.20 -6.49
C LEU A 50 2.73 5.62 -6.45
N GLY A 51 2.00 5.85 -5.36
CA GLY A 51 0.65 5.33 -5.21
C GLY A 51 -0.46 6.23 -5.77
N LEU A 52 -0.08 7.28 -6.50
CA LEU A 52 -1.07 8.14 -7.19
C LEU A 52 -1.96 8.97 -6.21
N LEU A 53 -1.45 9.20 -4.98
CA LEU A 53 -2.13 10.04 -4.00
C LEU A 53 -1.70 11.51 -4.10
N ASP A 54 -0.50 11.75 -4.61
CA ASP A 54 0.08 13.11 -4.77
C ASP A 54 0.77 13.18 -6.10
N ALA A 55 0.77 14.36 -6.72
CA ALA A 55 1.49 14.52 -7.98
C ALA A 55 2.93 14.93 -7.73
N PRO A 56 3.86 14.52 -8.62
CA PRO A 56 5.20 15.02 -8.44
C PRO A 56 5.29 16.46 -8.93
N THR A 57 6.26 17.20 -8.44
CA THR A 57 6.55 18.53 -9.02
C THR A 57 7.25 18.44 -10.38
N GLU A 58 8.14 17.46 -10.54
CA GLU A 58 8.87 17.19 -11.77
C GLU A 58 9.01 15.66 -11.85
N GLY A 59 9.17 15.17 -13.05
CA GLY A 59 9.36 13.73 -13.25
C GLY A 59 8.13 13.02 -13.75
N LYS A 60 8.30 11.74 -13.99
CA LYS A 60 7.19 10.96 -14.54
C LYS A 60 7.04 9.66 -13.78
N VAL A 61 5.80 9.17 -13.72
CA VAL A 61 5.53 7.86 -13.15
C VAL A 61 4.80 7.06 -14.23
N PHE A 62 5.16 5.78 -14.36
CA PHE A 62 4.54 4.86 -15.33
C PHE A 62 3.99 3.69 -14.57
N LEU A 63 2.71 3.36 -14.81
CA LEU A 63 2.10 2.22 -14.15
C LEU A 63 1.75 1.24 -15.27
N GLU A 64 2.15 0.00 -15.11
CA GLU A 64 1.98 -1.03 -16.19
C GLU A 64 2.43 -0.50 -17.54
N GLY A 65 3.56 0.20 -17.52
CA GLY A 65 4.17 0.76 -18.70
C GLY A 65 3.53 1.95 -19.36
N LYS A 66 2.53 2.56 -18.72
CA LYS A 66 1.82 3.74 -19.28
C LYS A 66 1.96 4.94 -18.38
N GLU A 67 2.27 6.08 -18.97
CA GLU A 67 2.54 7.29 -18.18
C GLU A 67 1.30 7.72 -17.46
N VAL A 68 1.46 8.05 -16.18
CA VAL A 68 0.32 8.48 -15.38
C VAL A 68 0.12 9.98 -15.60
N ASP A 69 -1.14 10.37 -15.84
CA ASP A 69 -1.52 11.78 -15.97
C ASP A 69 -2.11 12.19 -14.67
N TYR A 70 -1.41 13.07 -13.96
CA TYR A 70 -1.88 13.52 -12.66
C TYR A 70 -2.83 14.72 -12.67
N THR A 71 -3.13 15.22 -13.87
CA THR A 71 -3.91 16.49 -14.04
C THR A 71 -5.46 16.40 -13.94
N ASN A 72 -6.03 15.23 -14.06
CA ASN A 72 -7.48 15.10 -13.79
C ASN A 72 -7.66 14.21 -12.56
N GLU A 73 -8.11 14.82 -11.45
CA GLU A 73 -8.24 14.13 -10.17
C GLU A 73 -9.18 12.94 -10.24
N LYS A 74 -10.32 13.15 -10.92
CA LYS A 74 -11.28 12.09 -11.03
C LYS A 74 -10.71 10.88 -11.80
N GLU A 75 -9.98 11.14 -12.88
CA GLU A 75 -9.44 10.03 -13.70
C GLU A 75 -8.29 9.36 -12.93
N LEU A 76 -7.54 10.15 -12.17
CA LEU A 76 -6.47 9.55 -11.34
C LEU A 76 -7.07 8.66 -10.27
N SER A 77 -8.13 9.12 -9.58
CA SER A 77 -8.81 8.32 -8.58
C SER A 77 -9.31 7.04 -9.17
N LEU A 78 -9.86 7.14 -10.39
CA LEU A 78 -10.37 5.94 -11.09
C LEU A 78 -9.28 4.89 -11.25
N LEU A 79 -8.15 5.29 -11.80
CA LEU A 79 -7.02 4.39 -12.07
C LEU A 79 -6.53 3.78 -10.71
N ARG A 80 -6.34 4.67 -9.75
CA ARG A 80 -5.93 4.23 -8.37
C ARG A 80 -6.88 3.17 -7.76
N ASN A 81 -8.20 3.41 -7.83
CA ASN A 81 -9.16 2.50 -7.29
C ASN A 81 -9.21 1.16 -8.05
N ARG A 82 -8.96 1.22 -9.35
CA ARG A 82 -8.99 0.01 -10.18
C ARG A 82 -7.75 -0.86 -9.96
N LYS A 83 -6.61 -0.25 -9.63
CA LYS A 83 -5.33 -0.97 -9.76
C LYS A 83 -4.55 -1.12 -8.44
N LEU A 84 -4.82 -0.25 -7.47
CA LEU A 84 -3.92 -0.14 -6.31
C LEU A 84 -4.67 -0.33 -5.00
N GLY A 85 -3.98 -0.87 -4.00
CA GLY A 85 -4.54 -0.96 -2.66
C GLY A 85 -3.59 -0.35 -1.64
N PHE A 86 -4.13 0.12 -0.49
CA PHE A 86 -3.29 0.87 0.48
C PHE A 86 -3.48 0.41 1.90
N VAL A 87 -2.37 0.35 2.64
CA VAL A 87 -2.37 0.03 4.08
C VAL A 87 -1.52 1.12 4.72
N PHE A 88 -1.99 1.71 5.81
CA PHE A 88 -1.25 2.74 6.50
C PHE A 88 -1.15 2.28 7.97
N GLN A 89 -0.42 3.05 8.76
CA GLN A 89 -0.38 2.77 10.22
C GLN A 89 -1.81 2.85 10.77
N PHE A 90 -2.56 3.82 10.23
CA PHE A 90 -3.99 4.05 10.63
C PHE A 90 -4.91 3.25 9.78
N HIS A 91 -6.05 2.80 10.32
CA HIS A 91 -6.85 1.80 9.58
C HIS A 91 -7.98 2.36 8.71
N TYR A 92 -8.45 3.56 9.05
CA TYR A 92 -9.47 4.32 8.30
C TYR A 92 -10.69 3.47 8.03
N LEU A 93 -11.10 2.71 9.06
CA LEU A 93 -12.35 2.00 8.94
C LEU A 93 -13.52 2.96 9.17
N ILE A 94 -14.70 2.53 8.71
CA ILE A 94 -15.94 3.28 8.91
C ILE A 94 -16.64 2.60 10.11
N PRO A 95 -16.73 3.32 11.25
CA PRO A 95 -17.12 2.66 12.49
C PRO A 95 -18.57 2.24 12.59
N GLU A 96 -19.45 2.81 11.75
CA GLU A 96 -20.87 2.39 11.73
C GLU A 96 -21.11 1.14 10.85
N LEU A 97 -20.07 0.68 10.15
CA LEU A 97 -20.19 -0.47 9.29
C LEU A 97 -19.48 -1.65 9.88
N THR A 98 -19.97 -2.87 9.61
CA THR A 98 -19.33 -4.10 10.08
C THR A 98 -17.99 -4.31 9.39
N ALA A 99 -17.19 -5.26 9.90
CA ALA A 99 -15.91 -5.59 9.23
C ALA A 99 -16.16 -5.99 7.78
N LEU A 100 -17.16 -6.84 7.54
CA LEU A 100 -17.56 -7.24 6.18
C LEU A 100 -17.96 -6.10 5.25
N GLU A 101 -18.87 -5.25 5.72
CA GLU A 101 -19.35 -4.07 5.01
C GLU A 101 -18.17 -3.15 4.68
N ASN A 102 -17.25 -2.98 5.64
CA ASN A 102 -16.04 -2.14 5.38
C ASN A 102 -15.20 -2.64 4.18
N VAL A 103 -15.11 -3.96 4.02
CA VAL A 103 -14.31 -4.58 2.95
C VAL A 103 -14.98 -4.44 1.56
N ILE A 104 -16.30 -4.50 1.54
CA ILE A 104 -16.95 -4.44 0.23
C ILE A 104 -17.18 -3.04 -0.28
N VAL A 105 -17.03 -2.04 0.59
CA VAL A 105 -17.16 -0.63 0.20
C VAL A 105 -16.48 -0.38 -1.16
N PRO A 106 -15.15 -0.65 -1.28
CA PRO A 106 -14.48 -0.32 -2.54
C PRO A 106 -15.01 -1.05 -3.79
N MET A 107 -15.53 -2.26 -3.58
CA MET A 107 -16.12 -3.05 -4.66
C MET A 107 -17.42 -2.44 -5.16
N LEU A 108 -18.30 -2.09 -4.21
CA LEU A 108 -19.56 -1.41 -4.53
C LEU A 108 -19.29 -0.09 -5.25
N LYS A 109 -18.23 0.62 -4.83
CA LYS A 109 -17.87 1.89 -5.45
C LYS A 109 -17.56 1.72 -6.93
N MET A 110 -16.97 0.57 -7.29
CA MET A 110 -16.59 0.32 -8.67
C MET A 110 -17.73 -0.36 -9.46
N GLY A 111 -18.86 -0.60 -8.83
CA GLY A 111 -20.06 -1.12 -9.52
C GLY A 111 -20.19 -2.63 -9.51
N LYS A 112 -19.35 -3.30 -8.73
CA LYS A 112 -19.42 -4.75 -8.59
C LYS A 112 -20.76 -5.13 -7.94
N PRO A 113 -21.45 -6.17 -8.49
CA PRO A 113 -22.76 -6.55 -7.90
C PRO A 113 -22.62 -6.99 -6.43
N LYS A 114 -23.61 -6.64 -5.60
CA LYS A 114 -23.60 -6.84 -4.13
C LYS A 114 -23.39 -8.28 -3.67
N LYS A 115 -24.04 -9.25 -4.34
CA LYS A 115 -23.85 -10.67 -4.04
C LYS A 115 -22.41 -11.09 -4.23
N GLU A 116 -21.89 -10.83 -5.43
CA GLU A 116 -20.52 -11.17 -5.82
C GLU A 116 -19.55 -10.47 -4.86
N ALA A 117 -19.78 -9.17 -4.63
CA ALA A 117 -18.97 -8.37 -3.70
C ALA A 117 -18.91 -8.99 -2.30
N LYS A 118 -20.07 -9.32 -1.73
CA LYS A 118 -20.12 -9.92 -0.39
C LYS A 118 -19.39 -11.27 -0.26
N GLU A 119 -19.43 -12.07 -1.33
CA GLU A 119 -18.73 -13.35 -1.37
C GLU A 119 -17.22 -13.09 -1.33
N ARG A 120 -16.77 -12.13 -2.15
CA ARG A 120 -15.34 -11.75 -2.13
C ARG A 120 -14.92 -11.22 -0.76
N GLY A 121 -15.70 -10.31 -0.19
CA GLY A 121 -15.42 -9.79 1.15
C GLY A 121 -15.32 -10.91 2.18
N GLU A 122 -16.14 -11.95 2.01
CA GLU A 122 -16.09 -13.11 2.92
C GLU A 122 -14.87 -14.01 2.66
N TYR A 123 -14.55 -14.23 1.40
CA TYR A 123 -13.33 -14.98 1.08
C TYR A 123 -12.11 -14.26 1.66
N LEU A 124 -12.01 -12.96 1.40
CA LEU A 124 -10.82 -12.18 1.88
C LEU A 124 -10.68 -12.19 3.39
N LEU A 125 -11.80 -11.98 4.08
CA LEU A 125 -11.78 -11.93 5.54
C LEU A 125 -11.45 -13.29 6.17
N SER A 126 -11.94 -14.38 5.55
CA SER A 126 -11.56 -15.75 5.96
C SER A 126 -10.07 -15.92 5.79
N GLU A 127 -9.59 -15.57 4.59
CA GLU A 127 -8.17 -15.64 4.28
C GLU A 127 -7.29 -14.98 5.36
N LEU A 128 -7.78 -13.89 5.97
CA LEU A 128 -6.98 -13.09 6.91
C LEU A 128 -7.32 -13.22 8.40
N GLY A 129 -7.99 -14.32 8.79
CA GLY A 129 -8.25 -14.60 10.21
C GLY A 129 -9.31 -13.74 10.88
N LEU A 130 -10.36 -13.40 10.12
CA LEU A 130 -11.43 -12.55 10.64
C LEU A 130 -12.83 -13.05 10.29
N GLY A 131 -12.88 -14.27 9.76
CA GLY A 131 -14.13 -14.99 9.50
C GLY A 131 -15.15 -14.96 10.63
N ASP A 132 -14.67 -14.78 11.85
CA ASP A 132 -15.49 -14.83 13.07
C ASP A 132 -15.90 -13.42 13.55
N LYS A 133 -15.38 -12.40 12.85
CA LYS A 133 -15.59 -11.02 13.23
C LYS A 133 -16.28 -10.25 12.12
N LEU A 134 -16.83 -10.97 11.14
CA LEU A 134 -17.49 -10.37 9.96
C LEU A 134 -18.52 -9.32 10.32
N SER A 135 -19.30 -9.56 11.38
CA SER A 135 -20.38 -8.66 11.76
C SER A 135 -19.98 -7.67 12.85
N ARG A 136 -18.74 -7.78 13.33
CA ARG A 136 -18.25 -6.85 14.35
C ARG A 136 -18.10 -5.43 13.79
N LYS A 137 -18.48 -4.42 14.56
CA LYS A 137 -18.16 -3.02 14.27
C LYS A 137 -16.70 -2.72 14.67
N PRO A 138 -16.02 -1.81 13.94
CA PRO A 138 -14.62 -1.49 14.25
C PRO A 138 -14.28 -1.13 15.71
N TYR A 139 -15.15 -0.43 16.42
CA TYR A 139 -14.80 -0.01 17.80
C TYR A 139 -14.77 -1.18 18.77
N GLU A 140 -15.26 -2.32 18.29
CA GLU A 140 -15.13 -3.59 18.99
C GLU A 140 -13.80 -4.32 18.74
N LEU A 141 -13.22 -4.08 17.56
CA LEU A 141 -11.97 -4.73 17.08
C LEU A 141 -10.75 -4.05 17.64
N SER A 142 -9.72 -4.83 17.94
CA SER A 142 -8.43 -4.28 18.35
C SER A 142 -7.73 -3.70 17.11
N GLY A 143 -6.68 -2.92 17.37
CA GLY A 143 -5.87 -2.31 16.32
C GLY A 143 -5.35 -3.35 15.34
N GLY A 144 -4.83 -4.46 15.85
CA GLY A 144 -4.37 -5.56 14.99
C GLY A 144 -5.43 -6.18 14.11
N GLU A 145 -6.64 -6.37 14.67
CA GLU A 145 -7.72 -6.86 13.89
C GLU A 145 -8.13 -5.85 12.84
N GLN A 146 -8.20 -4.60 13.24
CA GLN A 146 -8.60 -3.53 12.29
C GLN A 146 -7.60 -3.45 11.12
N GLN A 147 -6.32 -3.65 11.42
CA GLN A 147 -5.33 -3.75 10.30
C GLN A 147 -5.63 -4.88 9.35
N ARG A 148 -6.01 -6.05 9.87
CA ARG A 148 -6.38 -7.12 9.00
C ARG A 148 -7.63 -6.81 8.17
N VAL A 149 -8.61 -6.04 8.72
CA VAL A 149 -9.77 -5.58 7.93
C VAL A 149 -9.27 -4.67 6.79
N ALA A 150 -8.40 -3.73 7.15
CA ALA A 150 -7.81 -2.79 6.15
C ALA A 150 -7.03 -3.48 5.05
N ILE A 151 -6.25 -4.51 5.37
CA ILE A 151 -5.57 -5.30 4.34
C ILE A 151 -6.54 -6.08 3.44
N ALA A 152 -7.53 -6.77 4.02
CA ALA A 152 -8.63 -7.29 3.21
C ALA A 152 -9.24 -6.25 2.25
N ARG A 153 -9.56 -5.06 2.75
CA ARG A 153 -10.15 -4.05 1.93
C ARG A 153 -9.20 -3.65 0.80
N ALA A 154 -7.90 -3.53 1.14
CA ALA A 154 -6.84 -3.21 0.13
C ALA A 154 -6.83 -4.21 -1.01
N LEU A 155 -7.15 -5.47 -0.71
CA LEU A 155 -7.18 -6.50 -1.75
C LEU A 155 -8.51 -6.61 -2.54
N ALA A 156 -9.52 -5.85 -2.14
CA ALA A 156 -10.92 -5.98 -2.64
C ALA A 156 -11.05 -5.97 -4.15
N ASN A 157 -10.44 -4.98 -4.83
CA ASN A 157 -10.53 -4.90 -6.30
C ASN A 157 -9.40 -5.60 -7.06
N GLU A 158 -8.76 -6.58 -6.40
CA GLU A 158 -7.70 -7.37 -7.01
C GLU A 158 -6.60 -6.49 -7.53
N PRO A 159 -6.00 -5.67 -6.63
CA PRO A 159 -5.01 -4.68 -7.13
C PRO A 159 -3.76 -5.36 -7.68
N ILE A 160 -3.06 -4.68 -8.59
CA ILE A 160 -1.79 -5.16 -9.09
C ILE A 160 -0.61 -4.74 -8.19
N LEU A 161 -0.88 -3.77 -7.32
CA LEU A 161 0.12 -3.22 -6.41
C LEU A 161 -0.49 -2.79 -5.10
N LEU A 162 0.12 -3.20 -3.99
CA LEU A 162 -0.24 -2.70 -2.67
C LEU A 162 0.84 -1.78 -2.20
N PHE A 163 0.43 -0.64 -1.67
CA PHE A 163 1.35 0.28 -1.02
C PHE A 163 1.09 0.24 0.48
N ALA A 164 2.15 0.08 1.25
CA ALA A 164 2.01 -0.02 2.72
C ALA A 164 2.88 1.01 3.39
N ASP A 165 2.28 1.91 4.15
CA ASP A 165 3.07 2.97 4.79
C ASP A 165 3.08 2.71 6.29
N GLU A 166 4.21 2.24 6.82
CA GLU A 166 4.35 1.95 8.28
C GLU A 166 3.17 1.05 8.78
N PRO A 167 2.92 -0.08 8.09
CA PRO A 167 1.70 -0.87 8.36
C PRO A 167 1.71 -1.54 9.74
N THR A 168 2.90 -1.67 10.31
CA THR A 168 3.00 -2.28 11.65
C THR A 168 3.19 -1.26 12.81
N GLY A 169 3.04 0.03 12.54
CA GLY A 169 3.15 1.03 13.61
C GLY A 169 1.97 0.88 14.60
N ASN A 170 2.21 1.17 15.88
CA ASN A 170 1.19 0.93 16.92
C ASN A 170 0.81 -0.55 17.16
N LEU A 171 1.42 -1.49 16.44
CA LEU A 171 1.14 -2.93 16.63
C LEU A 171 2.19 -3.59 17.51
N ASP A 172 1.71 -4.45 18.41
CA ASP A 172 2.62 -5.16 19.30
C ASP A 172 3.47 -6.18 18.52
N SER A 173 4.34 -6.94 19.20
CA SER A 173 5.16 -7.93 18.52
C SER A 173 4.41 -8.98 17.74
N ALA A 174 3.33 -9.47 18.34
CA ALA A 174 2.65 -10.60 17.77
C ALA A 174 1.89 -10.18 16.53
N ASN A 175 1.26 -9.00 16.60
CA ASN A 175 0.48 -8.49 15.47
C ASN A 175 1.40 -8.01 14.36
N THR A 176 2.58 -7.50 14.72
CA THR A 176 3.60 -7.06 13.73
C THR A 176 4.02 -8.26 12.91
N LYS A 177 4.30 -9.38 13.59
CA LYS A 177 4.62 -10.61 12.88
C LYS A 177 3.47 -11.18 12.04
N ARG A 178 2.25 -11.15 12.57
CA ARG A 178 1.07 -11.61 11.86
C ARG A 178 0.87 -10.80 10.56
N VAL A 179 1.01 -9.49 10.69
CA VAL A 179 0.76 -8.59 9.52
C VAL A 179 1.91 -8.79 8.51
N MET A 180 3.15 -8.87 8.97
CA MET A 180 4.24 -9.11 8.01
C MET A 180 4.07 -10.46 7.32
N ASP A 181 3.66 -11.49 8.05
CA ASP A 181 3.38 -12.77 7.42
C ASP A 181 2.28 -12.73 6.37
N ILE A 182 1.24 -11.93 6.63
CA ILE A 182 0.14 -11.66 5.66
C ILE A 182 0.71 -11.03 4.39
N PHE A 183 1.53 -10.01 4.57
CA PHE A 183 2.19 -9.42 3.38
C PHE A 183 3.04 -10.42 2.61
N LEU A 184 3.78 -11.26 3.33
CA LEU A 184 4.60 -12.26 2.67
C LEU A 184 3.76 -13.24 1.84
N LYS A 185 2.62 -13.72 2.39
CA LYS A 185 1.67 -14.60 1.70
C LYS A 185 1.00 -13.94 0.48
N ILE A 186 0.60 -12.68 0.66
CA ILE A 186 0.08 -11.90 -0.48
C ILE A 186 1.11 -11.84 -1.60
N ASN A 187 2.36 -11.56 -1.25
CA ASN A 187 3.36 -11.39 -2.27
C ASN A 187 3.64 -12.72 -2.98
N GLU A 188 3.60 -13.79 -2.18
CA GLU A 188 3.73 -15.15 -2.73
C GLU A 188 2.68 -15.49 -3.78
N GLY A 189 1.46 -14.98 -3.56
CA GLY A 189 0.37 -15.15 -4.51
C GLY A 189 0.58 -14.31 -5.77
N GLY A 190 1.60 -13.46 -5.76
CA GLY A 190 1.96 -12.71 -6.97
C GLY A 190 1.73 -11.20 -6.91
N THR A 191 1.12 -10.71 -5.84
CA THR A 191 0.80 -9.26 -5.82
C THR A 191 2.08 -8.49 -5.44
N SER A 192 2.41 -7.44 -6.19
CA SER A 192 3.56 -6.60 -5.83
C SER A 192 3.24 -5.75 -4.65
N ILE A 193 4.27 -5.45 -3.83
CA ILE A 193 4.07 -4.62 -2.67
C ILE A 193 5.22 -3.65 -2.55
N VAL A 194 4.91 -2.38 -2.28
CA VAL A 194 5.96 -1.40 -1.92
C VAL A 194 5.64 -0.90 -0.53
N MET A 195 6.59 -1.05 0.40
CA MET A 195 6.31 -0.84 1.80
C MET A 195 7.34 0.13 2.41
N VAL A 196 6.88 1.24 2.97
CA VAL A 196 7.74 2.10 3.77
C VAL A 196 7.75 1.61 5.24
N THR A 197 8.94 1.50 5.84
CA THR A 197 8.99 1.03 7.23
C THR A 197 10.16 1.66 7.98
N HIS A 198 9.93 1.87 9.28
CA HIS A 198 10.92 2.32 10.26
C HIS A 198 11.77 1.17 10.78
N GLU A 199 11.36 -0.07 10.48
CA GLU A 199 11.96 -1.27 11.11
C GLU A 199 12.86 -1.95 10.10
N ARG A 200 14.16 -1.77 10.21
CA ARG A 200 15.06 -2.58 9.34
C ARG A 200 14.83 -4.11 9.37
N GLU A 201 14.44 -4.64 10.53
CA GLU A 201 14.18 -6.09 10.59
C GLU A 201 13.06 -6.56 9.71
N LEU A 202 12.09 -5.67 9.48
CA LEU A 202 11.02 -5.99 8.55
C LEU A 202 11.50 -5.83 7.10
N ALA A 203 12.30 -4.81 6.84
CA ALA A 203 12.84 -4.61 5.49
C ALA A 203 13.67 -5.83 5.09
N GLU A 204 14.30 -6.46 6.07
CA GLU A 204 15.17 -7.61 5.79
C GLU A 204 14.45 -8.83 5.22
N LEU A 205 13.12 -8.87 5.43
CA LEU A 205 12.27 -9.97 4.95
C LEU A 205 11.78 -9.77 3.51
N THR A 206 12.10 -8.62 2.93
CA THR A 206 11.65 -8.30 1.57
C THR A 206 12.74 -8.60 0.54
N HIS A 207 12.36 -8.64 -0.72
CA HIS A 207 13.30 -8.95 -1.80
C HIS A 207 14.29 -7.83 -2.09
N ARG A 208 13.84 -6.59 -1.94
CA ARG A 208 14.73 -5.47 -2.29
C ARG A 208 14.38 -4.31 -1.39
N THR A 209 15.40 -3.55 -0.98
CA THR A 209 15.20 -2.38 -0.13
C THR A 209 15.88 -1.20 -0.76
N LEU A 210 15.14 -0.09 -0.86
CA LEU A 210 15.72 1.20 -1.28
C LEU A 210 15.98 2.05 -0.03
N GLU A 211 17.21 2.55 0.05
CA GLU A 211 17.59 3.34 1.20
C GLU A 211 17.60 4.81 0.82
N MET A 212 16.90 5.61 1.59
CA MET A 212 16.76 7.05 1.28
C MET A 212 17.51 7.93 2.28
N LYS A 213 17.97 9.09 1.78
CA LYS A 213 18.56 10.09 2.66
C LYS A 213 18.37 11.42 1.96
N ASP A 214 17.74 12.33 2.70
CA ASP A 214 17.60 13.74 2.26
C ASP A 214 17.00 13.83 0.82
N GLY A 215 15.99 13.01 0.55
CA GLY A 215 15.22 13.12 -0.70
C GLY A 215 15.83 12.43 -1.89
N LYS A 216 16.84 11.60 -1.63
CA LYS A 216 17.43 10.75 -2.69
C LYS A 216 17.55 9.29 -2.28
N VAL A 217 17.52 8.46 -3.29
CA VAL A 217 17.88 7.03 -3.06
C VAL A 217 19.41 6.95 -3.02
N VAL A 218 19.93 6.49 -1.89
CA VAL A 218 21.39 6.45 -1.67
C VAL A 218 21.96 5.03 -1.64
N GLY A 219 21.07 4.06 -1.74
CA GLY A 219 21.52 2.66 -1.58
C GLY A 219 20.42 1.71 -1.97
N GLU A 220 20.81 0.50 -2.40
CA GLU A 220 19.83 -0.51 -2.77
C GLU A 220 20.36 -1.87 -2.37
N ILE A 221 19.48 -2.66 -1.79
CA ILE A 221 19.89 -3.95 -1.20
C ILE A 221 18.99 -4.97 -1.83
N THR A 222 19.54 -6.08 -2.37
CA THR A 222 18.73 -7.08 -3.08
C THR A 222 19.02 -8.41 -2.39
N ARG A 223 17.98 -9.21 -2.15
CA ARG A 223 18.11 -10.42 -1.30
C ARG A 223 17.52 -11.59 -2.06
N VAL A 224 18.31 -12.65 -2.17
CA VAL A 224 17.84 -13.87 -2.77
C VAL A 224 17.97 -15.03 -1.80
#